data_1ZCM
#
_entry.id   1ZCM
#
_cell.length_a   50.440
_cell.length_b   62.740
_cell.length_c   99.260
_cell.angle_alpha   90.00
_cell.angle_beta   90.00
_cell.angle_gamma   90.00
#
_symmetry.space_group_name_H-M   'P 21 21 21'
#
loop_
_entity.id
_entity.type
_entity.pdbx_description
1 polymer 'Calpain 1, large [catalytic] subunit'
2 non-polymer 'CALCIUM ION'
3 non-polymer N-[(BENZYLOXY)CARBONYL]LEUCYL-N~1~-[3-FLUORO-1-(4-HYDROXYBENZYL)-2-OXOPROPYL]LEUCINAMIDE
4 water water
#
_entity_poly.entity_id   1
_entity_poly.type   'polypeptide(L)'
_entity_poly.pdbx_seq_one_letter_code
;NAIKYLGQDYEQLRVRCLQSGTLFRDEAFPPVPQSLGYKDLGPNSSKTYGIKWKRPTELLSNPQFIVDGATRTDICQGAL
GDCWLLAAIASLTLNDTLLHRVVPHGQSFQNGYAGIFHFQLWQFGEWVDVVVDDLLPIKDGKLVFVHSAEGNEFWSALLE
KAYAKVNGSYEALSGGSTSEAFEDFTGGVTEWYELRKAPSDLYQIILKALERGSLLGCSIDISSVLDMEAITFKKLVKGH
AYSVTGAKQVNYRGQVVSLIRMRNPWGEVEWTGAWSDSSSEWNNVDPYERDQLRVKMEDGEFWMSFRDFMREFTRLEICN
L
;
_entity_poly.pdbx_strand_id   A
#
# COMPACT_ATOMS: atom_id res chain seq x y z
N ASN A 1 -16.53 -16.97 7.19
CA ASN A 1 -15.85 -17.26 5.90
C ASN A 1 -16.34 -16.32 4.79
N ALA A 2 -15.40 -15.86 3.97
CA ALA A 2 -15.70 -14.94 2.87
C ALA A 2 -16.51 -15.55 1.74
N ILE A 3 -17.27 -14.68 1.07
CA ILE A 3 -18.10 -15.03 -0.08
C ILE A 3 -17.19 -15.09 -1.30
N LYS A 4 -17.49 -15.96 -2.25
CA LYS A 4 -16.65 -16.04 -3.43
C LYS A 4 -17.00 -14.99 -4.47
N TYR A 5 -16.03 -14.13 -4.77
CA TYR A 5 -16.25 -13.07 -5.76
C TYR A 5 -16.54 -13.68 -7.13
N LEU A 6 -17.65 -13.25 -7.73
CA LEU A 6 -18.09 -13.73 -9.04
C LEU A 6 -18.23 -15.25 -9.04
N GLY A 7 -18.42 -15.82 -7.85
CA GLY A 7 -18.58 -17.26 -7.74
C GLY A 7 -17.28 -18.02 -7.96
N GLN A 8 -16.17 -17.30 -8.07
CA GLN A 8 -14.88 -17.94 -8.29
C GLN A 8 -14.31 -18.60 -7.05
N ASP A 9 -14.06 -19.90 -7.18
CA ASP A 9 -13.58 -20.74 -6.10
C ASP A 9 -12.09 -21.01 -6.22
N TYR A 10 -11.30 -20.31 -5.42
CA TYR A 10 -9.85 -20.47 -5.47
C TYR A 10 -9.34 -21.90 -5.34
N GLU A 11 -9.70 -22.59 -4.27
CA GLU A 11 -9.23 -23.96 -4.09
C GLU A 11 -9.59 -24.89 -5.24
N GLN A 12 -10.82 -24.79 -5.70
CA GLN A 12 -11.32 -25.63 -6.78
C GLN A 12 -10.51 -25.39 -8.05
N LEU A 13 -10.50 -24.12 -8.49
CA LEU A 13 -9.77 -23.72 -9.69
C LEU A 13 -8.32 -24.17 -9.60
N ARG A 14 -7.66 -23.89 -8.47
CA ARG A 14 -6.27 -24.27 -8.26
C ARG A 14 -6.07 -25.78 -8.39
N VAL A 15 -6.99 -26.55 -7.79
CA VAL A 15 -6.91 -28.00 -7.86
C VAL A 15 -7.12 -28.45 -9.30
N ARG A 16 -8.14 -27.89 -9.93
CA ARG A 16 -8.47 -28.21 -11.32
C ARG A 16 -7.29 -27.97 -12.25
N CYS A 17 -6.62 -26.83 -12.08
CA CYS A 17 -5.47 -26.51 -12.92
C CYS A 17 -4.30 -27.40 -12.56
N LEU A 18 -4.04 -27.51 -11.26
CA LEU A 18 -2.93 -28.31 -10.78
C LEU A 18 -3.05 -29.74 -11.30
N GLN A 19 -4.28 -30.23 -11.42
CA GLN A 19 -4.52 -31.58 -11.91
C GLN A 19 -4.43 -31.66 -13.43
N SER A 20 -4.76 -30.56 -14.11
CA SER A 20 -4.71 -30.52 -15.56
C SER A 20 -3.33 -30.06 -16.02
N GLY A 21 -2.41 -29.97 -15.08
CA GLY A 21 -1.06 -29.53 -15.39
C GLY A 21 -1.05 -28.21 -16.15
N THR A 22 -2.04 -27.37 -15.87
CA THR A 22 -2.14 -26.08 -16.52
C THR A 22 -2.13 -24.93 -15.52
N LEU A 23 -2.03 -23.72 -16.03
CA LEU A 23 -2.02 -22.53 -15.18
C LEU A 23 -3.31 -21.77 -15.37
N PHE A 24 -3.81 -21.23 -14.26
CA PHE A 24 -5.06 -20.49 -14.27
C PHE A 24 -5.03 -19.27 -15.17
N ARG A 25 -6.16 -19.07 -15.85
CA ARG A 25 -6.35 -17.93 -16.74
C ARG A 25 -7.70 -17.39 -16.31
N ASP A 26 -7.68 -16.19 -15.73
CA ASP A 26 -8.88 -15.54 -15.20
C ASP A 26 -9.80 -14.93 -16.26
N GLU A 27 -10.93 -15.58 -16.52
CA GLU A 27 -11.88 -15.07 -17.50
C GLU A 27 -12.56 -13.79 -17.04
N ALA A 28 -12.69 -13.62 -15.73
CA ALA A 28 -13.36 -12.43 -15.18
C ALA A 28 -12.48 -11.18 -15.19
N PHE A 29 -11.21 -11.36 -15.51
CA PHE A 29 -10.26 -10.24 -15.54
C PHE A 29 -9.03 -10.73 -16.30
N PRO A 30 -9.18 -10.93 -17.62
CA PRO A 30 -8.12 -11.41 -18.51
C PRO A 30 -6.97 -10.44 -18.79
N PRO A 31 -5.81 -10.99 -19.18
CA PRO A 31 -4.61 -10.22 -19.49
C PRO A 31 -4.78 -9.49 -20.81
N VAL A 32 -5.75 -8.58 -20.84
CA VAL A 32 -6.06 -7.83 -22.06
C VAL A 32 -6.07 -6.32 -21.82
N PRO A 33 -6.02 -5.52 -22.90
CA PRO A 33 -6.02 -4.06 -22.80
C PRO A 33 -7.08 -3.47 -21.90
N GLN A 34 -8.30 -4.01 -21.94
CA GLN A 34 -9.39 -3.51 -21.13
C GLN A 34 -9.11 -3.68 -19.64
N SER A 35 -8.30 -4.68 -19.31
CA SER A 35 -7.97 -4.90 -17.91
C SER A 35 -6.95 -3.85 -17.46
N LEU A 36 -6.23 -3.28 -18.41
CA LEU A 36 -5.26 -2.23 -18.08
C LEU A 36 -6.00 -0.90 -17.88
N GLY A 37 -6.83 -0.54 -18.86
CA GLY A 37 -7.54 0.71 -18.77
C GLY A 37 -8.43 1.02 -19.97
N TYR A 38 -9.03 2.20 -19.93
CA TYR A 38 -9.94 2.66 -20.96
C TYR A 38 -9.53 4.00 -21.59
N LYS A 39 -8.84 4.84 -20.84
CA LYS A 39 -8.44 6.13 -21.37
C LYS A 39 -6.93 6.33 -21.36
N ASP A 40 -6.38 6.82 -20.26
CA ASP A 40 -4.95 7.02 -20.17
C ASP A 40 -4.19 5.72 -20.28
N LEU A 41 -4.89 4.62 -20.04
CA LEU A 41 -4.30 3.30 -20.14
C LEU A 41 -5.12 2.50 -21.16
N GLY A 42 -5.87 3.22 -21.99
CA GLY A 42 -6.70 2.59 -23.01
C GLY A 42 -5.90 1.89 -24.09
N PRO A 43 -6.56 1.01 -24.87
CA PRO A 43 -5.96 0.24 -25.97
C PRO A 43 -5.04 1.06 -26.88
N ASN A 44 -5.46 2.29 -27.16
CA ASN A 44 -4.67 3.15 -28.03
C ASN A 44 -4.06 4.36 -27.33
N SER A 45 -3.47 4.11 -26.16
CA SER A 45 -2.81 5.16 -25.40
C SER A 45 -1.32 4.84 -25.40
N SER A 46 -0.48 5.88 -25.50
CA SER A 46 0.97 5.69 -25.51
C SER A 46 1.53 5.22 -24.18
N LYS A 47 0.77 5.43 -23.10
CA LYS A 47 1.23 5.02 -21.79
C LYS A 47 1.31 3.49 -21.67
N THR A 48 0.60 2.81 -22.55
CA THR A 48 0.61 1.34 -22.51
C THR A 48 1.69 0.79 -23.43
N TYR A 49 2.48 1.69 -24.00
CA TYR A 49 3.56 1.28 -24.89
C TYR A 49 4.52 0.32 -24.21
N GLY A 50 4.71 -0.84 -24.82
CA GLY A 50 5.62 -1.82 -24.26
C GLY A 50 5.12 -2.62 -23.07
N ILE A 51 3.88 -2.39 -22.64
CA ILE A 51 3.36 -3.14 -21.50
C ILE A 51 2.89 -4.51 -21.97
N LYS A 52 3.41 -5.56 -21.35
CA LYS A 52 3.02 -6.94 -21.68
C LYS A 52 2.53 -7.56 -20.39
N TRP A 53 1.90 -8.72 -20.50
CA TRP A 53 1.39 -9.45 -19.34
C TRP A 53 2.22 -10.69 -19.16
N LYS A 54 2.85 -10.83 -17.99
CA LYS A 54 3.65 -11.99 -17.69
C LYS A 54 3.51 -12.46 -16.24
N ARG A 55 3.59 -13.77 -16.04
CA ARG A 55 3.50 -14.33 -14.70
C ARG A 55 4.90 -14.23 -14.09
N PRO A 56 4.98 -14.11 -12.75
CA PRO A 56 6.29 -14.02 -12.10
C PRO A 56 7.14 -15.22 -12.44
N THR A 57 6.49 -16.36 -12.68
CA THR A 57 7.19 -17.58 -13.01
C THR A 57 7.75 -17.53 -14.43
N GLU A 58 7.38 -16.48 -15.16
CA GLU A 58 7.86 -16.29 -16.52
C GLU A 58 8.95 -15.23 -16.52
N LEU A 59 9.15 -14.60 -15.37
CA LEU A 59 10.15 -13.55 -15.25
C LEU A 59 11.39 -13.99 -14.49
N LEU A 60 11.16 -14.70 -13.39
CA LEU A 60 12.27 -15.13 -12.55
C LEU A 60 12.24 -16.64 -12.35
N SER A 61 13.39 -17.21 -12.01
CA SER A 61 13.45 -18.65 -11.78
C SER A 61 12.68 -19.04 -10.51
N ASN A 62 12.80 -18.22 -9.48
CA ASN A 62 12.12 -18.49 -8.23
C ASN A 62 11.41 -17.27 -7.65
N PRO A 63 10.31 -16.85 -8.28
CA PRO A 63 9.59 -15.69 -7.75
C PRO A 63 9.00 -16.07 -6.39
N GLN A 64 8.82 -15.10 -5.51
CA GLN A 64 8.25 -15.38 -4.21
C GLN A 64 6.98 -14.57 -3.94
N PHE A 65 6.04 -15.17 -3.25
CA PHE A 65 4.81 -14.49 -2.91
C PHE A 65 5.18 -13.45 -1.87
N ILE A 66 5.78 -13.93 -0.78
CA ILE A 66 6.18 -13.08 0.32
C ILE A 66 7.63 -13.35 0.67
N VAL A 67 8.39 -12.28 0.86
CA VAL A 67 9.79 -12.37 1.23
C VAL A 67 10.01 -11.56 2.49
N ASP A 68 10.63 -12.16 3.50
CA ASP A 68 10.88 -11.44 4.76
C ASP A 68 9.61 -10.74 5.23
N GLY A 69 8.50 -11.45 5.11
CA GLY A 69 7.22 -10.93 5.56
C GLY A 69 6.55 -9.97 4.59
N ALA A 70 5.24 -9.82 4.77
CA ALA A 70 4.49 -8.89 3.94
C ALA A 70 4.49 -7.59 4.74
N THR A 71 5.39 -6.68 4.37
CA THR A 71 5.54 -5.44 5.11
C THR A 71 5.34 -4.20 4.25
N ARG A 72 5.30 -3.04 4.89
CA ARG A 72 5.07 -1.80 4.17
C ARG A 72 6.11 -1.44 3.11
N THR A 73 7.34 -1.87 3.28
CA THR A 73 8.39 -1.58 2.29
C THR A 73 8.18 -2.37 0.99
N ASP A 74 7.21 -3.29 1.00
CA ASP A 74 6.91 -4.08 -0.18
C ASP A 74 5.91 -3.32 -1.07
N ILE A 75 5.54 -2.12 -0.66
CA ILE A 75 4.57 -1.28 -1.36
C ILE A 75 5.26 -0.07 -1.97
N CYS A 76 5.59 -0.15 -3.26
CA CYS A 76 6.26 0.93 -3.97
C CYS A 76 5.47 1.21 -5.22
N GLN A 77 4.83 2.37 -5.24
CA GLN A 77 3.98 2.77 -6.35
C GLN A 77 4.65 2.68 -7.71
N GLY A 78 3.85 2.34 -8.71
CA GLY A 78 4.32 2.24 -10.07
C GLY A 78 3.70 3.37 -10.89
N ALA A 79 3.55 3.12 -12.18
CA ALA A 79 2.98 4.11 -13.11
C ALA A 79 1.46 4.17 -13.06
N LEU A 80 0.91 4.42 -11.88
CA LEU A 80 -0.54 4.48 -11.72
C LEU A 80 -0.87 5.40 -10.53
N GLY A 81 -1.94 6.17 -10.67
CA GLY A 81 -2.32 7.08 -9.60
C GLY A 81 -3.06 6.45 -8.44
N ASP A 82 -2.61 5.30 -7.95
CA ASP A 82 -3.30 4.64 -6.83
C ASP A 82 -2.61 4.74 -5.48
N CYS A 83 -2.04 5.91 -5.20
CA CYS A 83 -1.36 6.15 -3.96
C CYS A 83 -2.28 5.86 -2.78
N TRP A 84 -3.56 6.23 -2.92
CA TRP A 84 -4.54 6.02 -1.86
C TRP A 84 -4.64 4.55 -1.46
N LEU A 85 -4.72 3.68 -2.46
CA LEU A 85 -4.80 2.24 -2.24
C LEU A 85 -3.50 1.71 -1.62
N LEU A 86 -2.37 2.11 -2.19
CA LEU A 86 -1.06 1.65 -1.70
C LEU A 86 -0.77 2.11 -0.27
N ALA A 87 -1.11 3.35 0.07
CA ALA A 87 -0.93 3.81 1.44
C ALA A 87 -1.79 2.91 2.34
N ALA A 88 -2.97 2.51 1.87
CA ALA A 88 -3.84 1.67 2.69
C ALA A 88 -3.23 0.28 2.88
N ILE A 89 -2.66 -0.27 1.83
CA ILE A 89 -2.03 -1.58 1.95
C ILE A 89 -0.84 -1.48 2.91
N ALA A 90 -0.03 -0.42 2.78
CA ALA A 90 1.11 -0.27 3.68
C ALA A 90 0.64 -0.17 5.12
N SER A 91 -0.44 0.56 5.36
CA SER A 91 -0.95 0.68 6.72
C SER A 91 -1.49 -0.67 7.17
N LEU A 92 -2.14 -1.37 6.26
CA LEU A 92 -2.69 -2.71 6.58
C LEU A 92 -1.62 -3.65 7.12
N THR A 93 -0.43 -3.64 6.52
CA THR A 93 0.66 -4.53 6.95
C THR A 93 1.00 -4.41 8.43
N LEU A 94 0.59 -3.32 9.08
CA LEU A 94 0.87 -3.12 10.50
C LEU A 94 -0.11 -3.83 11.43
N ASN A 95 -1.25 -4.24 10.90
CA ASN A 95 -2.25 -4.97 11.69
C ASN A 95 -2.06 -6.41 11.25
N ASP A 96 -1.32 -7.18 12.04
CA ASP A 96 -1.00 -8.55 11.67
C ASP A 96 -2.18 -9.46 11.40
N THR A 97 -3.23 -9.36 12.22
CA THR A 97 -4.40 -10.18 12.02
C THR A 97 -5.14 -9.84 10.73
N LEU A 98 -5.38 -8.55 10.48
CA LEU A 98 -6.09 -8.16 9.25
C LEU A 98 -5.25 -8.38 8.01
N LEU A 99 -3.94 -8.21 8.14
CA LEU A 99 -3.04 -8.42 7.03
C LEU A 99 -3.16 -9.85 6.58
N HIS A 100 -3.17 -10.77 7.54
CA HIS A 100 -3.26 -12.19 7.22
C HIS A 100 -4.61 -12.64 6.70
N ARG A 101 -5.62 -11.80 6.86
CA ARG A 101 -6.94 -12.12 6.33
C ARG A 101 -6.96 -11.64 4.87
N VAL A 102 -6.61 -10.38 4.65
CA VAL A 102 -6.58 -9.83 3.30
C VAL A 102 -5.59 -10.57 2.42
N VAL A 103 -4.41 -10.85 2.96
CA VAL A 103 -3.38 -11.54 2.22
C VAL A 103 -3.20 -12.97 2.75
N PRO A 104 -3.86 -13.95 2.11
CA PRO A 104 -3.71 -15.33 2.58
C PRO A 104 -2.25 -15.71 2.41
N HIS A 105 -1.57 -15.93 3.53
CA HIS A 105 -0.16 -16.31 3.48
C HIS A 105 -0.13 -17.78 3.08
N GLY A 106 1.04 -18.30 2.76
CA GLY A 106 1.06 -19.71 2.40
C GLY A 106 0.83 -19.94 0.91
N GLN A 107 0.48 -18.89 0.19
CA GLN A 107 0.31 -19.03 -1.24
C GLN A 107 1.74 -18.96 -1.73
N SER A 108 2.07 -19.78 -2.72
CA SER A 108 3.44 -19.77 -3.21
C SER A 108 3.50 -20.03 -4.70
N PHE A 109 4.67 -19.76 -5.27
CA PHE A 109 4.93 -19.98 -6.69
C PHE A 109 5.60 -21.35 -6.86
N GLN A 110 5.77 -22.04 -5.74
CA GLN A 110 6.39 -23.35 -5.74
C GLN A 110 5.36 -24.44 -5.47
N ASN A 111 5.37 -25.02 -4.27
CA ASN A 111 4.42 -26.07 -3.93
C ASN A 111 2.98 -25.68 -4.21
N GLY A 112 2.25 -26.55 -4.91
CA GLY A 112 0.85 -26.30 -5.22
C GLY A 112 0.53 -25.14 -6.14
N TYR A 113 1.54 -24.59 -6.81
CA TYR A 113 1.35 -23.46 -7.72
C TYR A 113 0.62 -23.83 -9.02
N ALA A 114 -0.41 -23.05 -9.35
CA ALA A 114 -1.18 -23.26 -10.57
C ALA A 114 -1.52 -21.92 -11.23
N GLY A 115 -0.73 -20.89 -10.96
CA GLY A 115 -0.96 -19.60 -11.56
C GLY A 115 -2.18 -18.86 -11.06
N ILE A 116 -2.61 -19.19 -9.85
CA ILE A 116 -3.76 -18.51 -9.29
C ILE A 116 -3.50 -18.09 -7.84
N PHE A 117 -4.02 -16.93 -7.48
CA PHE A 117 -3.88 -16.40 -6.14
C PHE A 117 -5.22 -15.82 -5.75
N HIS A 118 -5.38 -15.59 -4.45
CA HIS A 118 -6.61 -15.01 -3.97
C HIS A 118 -6.35 -14.06 -2.79
N PHE A 119 -7.28 -13.14 -2.60
CA PHE A 119 -7.19 -12.19 -1.51
C PHE A 119 -8.60 -11.92 -1.00
N GLN A 120 -8.68 -11.54 0.28
CA GLN A 120 -9.96 -11.20 0.87
C GLN A 120 -10.06 -9.68 0.91
N LEU A 121 -11.23 -9.17 0.54
CA LEU A 121 -11.52 -7.75 0.56
C LEU A 121 -12.91 -7.57 1.14
N TRP A 122 -13.10 -6.49 1.87
CA TRP A 122 -14.40 -6.19 2.42
C TRP A 122 -15.02 -5.33 1.34
N GLN A 123 -16.12 -5.82 0.78
CA GLN A 123 -16.78 -5.12 -0.31
C GLN A 123 -18.26 -5.00 -0.06
N PHE A 124 -18.73 -3.76 0.03
CA PHE A 124 -20.15 -3.45 0.24
C PHE A 124 -20.81 -4.25 1.35
N GLY A 125 -20.21 -4.22 2.54
CA GLY A 125 -20.78 -4.91 3.68
C GLY A 125 -20.42 -6.36 3.93
N GLU A 126 -19.55 -6.95 3.10
CA GLU A 126 -19.21 -8.34 3.32
C GLU A 126 -17.80 -8.68 2.85
N TRP A 127 -17.20 -9.67 3.48
CA TRP A 127 -15.87 -10.11 3.09
C TRP A 127 -16.02 -10.98 1.88
N VAL A 128 -15.26 -10.69 0.84
CA VAL A 128 -15.33 -11.47 -0.38
C VAL A 128 -13.92 -11.99 -0.70
N ASP A 129 -13.86 -13.17 -1.30
CA ASP A 129 -12.59 -13.78 -1.68
C ASP A 129 -12.47 -13.56 -3.19
N VAL A 130 -11.44 -12.81 -3.56
CA VAL A 130 -11.16 -12.47 -4.95
C VAL A 130 -9.97 -13.23 -5.51
N VAL A 131 -10.18 -13.91 -6.63
CA VAL A 131 -9.07 -14.63 -7.25
C VAL A 131 -8.53 -13.84 -8.45
N VAL A 132 -7.28 -14.09 -8.76
CA VAL A 132 -6.67 -13.50 -9.94
C VAL A 132 -5.69 -14.53 -10.44
N ASP A 133 -5.40 -14.51 -11.75
CA ASP A 133 -4.36 -15.38 -12.25
C ASP A 133 -3.13 -14.49 -12.01
N ASP A 134 -1.91 -15.04 -12.06
CA ASP A 134 -0.76 -14.19 -11.78
C ASP A 134 -0.08 -13.48 -12.94
N LEU A 135 -0.84 -13.21 -14.01
CA LEU A 135 -0.31 -12.46 -15.15
C LEU A 135 -0.31 -11.01 -14.68
N LEU A 136 0.86 -10.36 -14.73
CA LEU A 136 0.99 -8.98 -14.27
C LEU A 136 1.57 -8.06 -15.33
N PRO A 137 1.14 -6.79 -15.35
CA PRO A 137 1.62 -5.81 -16.31
C PRO A 137 3.13 -5.59 -16.14
N ILE A 138 3.86 -5.86 -17.21
CA ILE A 138 5.32 -5.75 -17.20
C ILE A 138 5.80 -4.92 -18.38
N LYS A 139 6.87 -4.17 -18.16
CA LYS A 139 7.48 -3.33 -19.19
C LYS A 139 8.99 -3.30 -18.94
N ASP A 140 9.78 -3.61 -19.96
CA ASP A 140 11.22 -3.63 -19.80
C ASP A 140 11.61 -4.62 -18.70
N GLY A 141 10.85 -5.70 -18.60
CA GLY A 141 11.13 -6.73 -17.61
C GLY A 141 10.82 -6.38 -16.17
N LYS A 142 10.10 -5.28 -15.95
CA LYS A 142 9.75 -4.85 -14.61
C LYS A 142 8.26 -4.57 -14.43
N LEU A 143 7.75 -4.83 -13.22
CA LEU A 143 6.34 -4.54 -12.95
C LEU A 143 6.14 -3.07 -13.25
N VAL A 144 5.05 -2.79 -13.94
CA VAL A 144 4.71 -1.43 -14.32
C VAL A 144 4.03 -0.71 -13.19
N PHE A 145 3.22 -1.46 -12.44
CA PHE A 145 2.47 -0.88 -11.35
C PHE A 145 3.12 -1.10 -9.99
N VAL A 146 2.38 -1.51 -8.96
CA VAL A 146 3.07 -1.65 -7.69
C VAL A 146 4.10 -2.75 -7.66
N HIS A 147 5.16 -2.53 -6.90
CA HIS A 147 6.19 -3.54 -6.79
C HIS A 147 6.79 -3.44 -5.40
N SER A 148 7.44 -4.51 -4.95
CA SER A 148 8.09 -4.50 -3.65
C SER A 148 9.50 -3.97 -3.82
N ALA A 149 10.09 -3.47 -2.74
CA ALA A 149 11.46 -2.99 -2.81
C ALA A 149 12.28 -4.22 -3.22
N GLU A 150 11.75 -5.38 -2.90
CA GLU A 150 12.38 -6.66 -3.24
C GLU A 150 11.83 -7.10 -4.60
N GLY A 151 12.70 -7.11 -5.61
CA GLY A 151 12.29 -7.49 -6.95
C GLY A 151 11.71 -8.88 -7.17
N ASN A 152 11.92 -9.79 -6.23
CA ASN A 152 11.38 -11.15 -6.37
C ASN A 152 10.13 -11.41 -5.54
N GLU A 153 9.55 -10.36 -4.97
CA GLU A 153 8.36 -10.51 -4.14
C GLU A 153 7.13 -9.97 -4.90
N PHE A 154 6.07 -10.76 -4.94
CA PHE A 154 4.89 -10.39 -5.72
C PHE A 154 3.54 -10.26 -5.01
N TRP A 155 3.49 -10.52 -3.71
CA TRP A 155 2.20 -10.44 -3.03
C TRP A 155 1.47 -9.10 -3.21
N SER A 156 2.18 -7.99 -3.09
CA SER A 156 1.57 -6.67 -3.21
C SER A 156 1.11 -6.39 -4.65
N ALA A 157 1.90 -6.82 -5.63
CA ALA A 157 1.52 -6.63 -7.03
C ALA A 157 0.23 -7.41 -7.25
N LEU A 158 0.14 -8.61 -6.67
CA LEU A 158 -1.05 -9.42 -6.86
C LEU A 158 -2.27 -8.87 -6.14
N LEU A 159 -2.06 -8.25 -4.98
CA LEU A 159 -3.15 -7.65 -4.22
C LEU A 159 -3.67 -6.45 -5.01
N GLU A 160 -2.77 -5.65 -5.55
CA GLU A 160 -3.19 -4.50 -6.32
C GLU A 160 -3.98 -4.99 -7.54
N LYS A 161 -3.53 -6.09 -8.15
CA LYS A 161 -4.25 -6.61 -9.29
C LYS A 161 -5.66 -7.05 -8.87
N ALA A 162 -5.77 -7.69 -7.71
CA ALA A 162 -7.08 -8.12 -7.23
C ALA A 162 -7.97 -6.90 -7.00
N TYR A 163 -7.38 -5.81 -6.50
CA TYR A 163 -8.15 -4.60 -6.23
C TYR A 163 -8.55 -3.98 -7.58
N ALA A 164 -7.65 -4.05 -8.56
CA ALA A 164 -7.94 -3.50 -9.89
C ALA A 164 -9.11 -4.30 -10.44
N LYS A 165 -9.03 -5.62 -10.28
CA LYS A 165 -10.10 -6.50 -10.75
C LYS A 165 -11.47 -6.07 -10.24
N VAL A 166 -11.65 -5.91 -8.92
CA VAL A 166 -12.95 -5.50 -8.41
C VAL A 166 -13.37 -4.10 -8.90
N ASN A 167 -12.42 -3.36 -9.46
CA ASN A 167 -12.69 -2.02 -9.98
C ASN A 167 -12.80 -2.01 -11.50
N GLY A 168 -12.66 -3.19 -12.10
CA GLY A 168 -12.77 -3.32 -13.55
C GLY A 168 -11.49 -3.10 -14.36
N SER A 169 -10.50 -2.41 -13.79
CA SER A 169 -9.25 -2.17 -14.50
C SER A 169 -8.25 -1.45 -13.60
N TYR A 170 -6.99 -1.43 -14.03
CA TYR A 170 -5.99 -0.72 -13.27
C TYR A 170 -6.29 0.77 -13.34
N GLU A 171 -6.58 1.29 -14.54
CA GLU A 171 -6.87 2.73 -14.68
C GLU A 171 -7.94 3.19 -13.70
N ALA A 172 -8.91 2.32 -13.42
CA ALA A 172 -9.98 2.65 -12.49
C ALA A 172 -9.45 2.91 -11.09
N LEU A 173 -8.19 2.54 -10.86
CA LEU A 173 -7.57 2.76 -9.55
C LEU A 173 -6.91 4.14 -9.50
N SER A 174 -6.83 4.81 -10.63
CA SER A 174 -6.21 6.11 -10.68
C SER A 174 -7.09 7.17 -10.04
N GLY A 175 -6.65 7.66 -8.89
CA GLY A 175 -7.40 8.66 -8.16
C GLY A 175 -8.36 8.02 -7.19
N GLY A 176 -8.27 8.38 -5.91
CA GLY A 176 -9.16 7.78 -4.95
C GLY A 176 -8.97 8.24 -3.52
N SER A 177 -9.75 7.60 -2.63
CA SER A 177 -9.72 7.93 -1.21
C SER A 177 -9.07 6.82 -0.38
N THR A 178 -8.10 7.20 0.43
CA THR A 178 -7.41 6.22 1.26
C THR A 178 -8.43 5.58 2.21
N SER A 179 -9.43 6.37 2.61
CA SER A 179 -10.50 5.90 3.49
C SER A 179 -11.22 4.72 2.89
N GLU A 180 -11.49 4.78 1.60
CA GLU A 180 -12.18 3.71 0.95
C GLU A 180 -11.39 2.39 1.01
N ALA A 181 -10.08 2.45 0.74
CA ALA A 181 -9.23 1.26 0.79
C ALA A 181 -9.08 0.77 2.24
N PHE A 182 -8.90 1.71 3.18
CA PHE A 182 -8.80 1.36 4.60
C PHE A 182 -10.00 0.49 4.97
N GLU A 183 -11.18 0.97 4.63
CA GLU A 183 -12.41 0.24 4.92
C GLU A 183 -12.51 -1.08 4.16
N ASP A 184 -12.03 -1.13 2.92
CA ASP A 184 -12.11 -2.37 2.15
C ASP A 184 -11.12 -3.42 2.62
N PHE A 185 -10.22 -3.01 3.50
CA PHE A 185 -9.22 -3.93 4.04
C PHE A 185 -9.53 -4.26 5.49
N THR A 186 -10.60 -3.67 6.02
CA THR A 186 -10.90 -3.88 7.44
C THR A 186 -12.35 -4.05 7.79
N GLY A 187 -13.24 -3.51 6.97
CA GLY A 187 -14.65 -3.58 7.29
C GLY A 187 -14.90 -2.58 8.40
N GLY A 188 -13.91 -1.72 8.66
CA GLY A 188 -14.02 -0.72 9.70
C GLY A 188 -14.59 0.57 9.15
N VAL A 189 -14.58 1.64 9.94
CA VAL A 189 -15.08 2.91 9.43
C VAL A 189 -14.06 4.01 9.68
N THR A 190 -13.87 4.85 8.67
CA THR A 190 -12.89 5.92 8.77
C THR A 190 -13.44 7.25 9.27
N GLU A 191 -12.72 7.85 10.20
CA GLU A 191 -13.08 9.15 10.71
C GLU A 191 -11.98 10.06 10.16
N TRP A 192 -12.34 11.22 9.64
CA TRP A 192 -11.31 12.11 9.12
C TRP A 192 -11.13 13.33 9.99
N TYR A 193 -9.91 13.84 9.99
CA TYR A 193 -9.56 15.01 10.79
C TYR A 193 -8.99 16.11 9.94
N GLU A 194 -9.45 17.33 10.20
CA GLU A 194 -8.94 18.50 9.51
C GLU A 194 -7.91 18.96 10.52
N LEU A 195 -6.63 18.72 10.22
CA LEU A 195 -5.57 19.07 11.15
C LEU A 195 -5.54 20.51 11.67
N ARG A 196 -6.05 21.47 10.90
CA ARG A 196 -6.09 22.86 11.34
C ARG A 196 -7.17 23.09 12.40
N LYS A 197 -8.05 22.11 12.56
CA LYS A 197 -9.12 22.20 13.54
C LYS A 197 -9.25 20.84 14.20
N ALA A 198 -8.15 20.36 14.77
CA ALA A 198 -8.09 19.07 15.42
C ALA A 198 -8.14 19.15 16.93
N PRO A 199 -8.57 18.06 17.58
CA PRO A 199 -8.66 17.95 19.04
C PRO A 199 -7.30 18.16 19.67
N SER A 200 -7.28 18.70 20.88
CA SER A 200 -6.06 18.95 21.62
C SER A 200 -5.40 17.63 21.97
N ASP A 201 -6.18 16.56 21.93
CA ASP A 201 -5.67 15.23 22.25
C ASP A 201 -5.48 14.36 21.01
N LEU A 202 -5.37 15.00 19.85
CA LEU A 202 -5.19 14.24 18.61
C LEU A 202 -3.98 13.30 18.65
N TYR A 203 -2.87 13.76 19.22
CA TYR A 203 -1.69 12.91 19.27
C TYR A 203 -1.98 11.63 20.05
N GLN A 204 -2.70 11.78 21.17
CA GLN A 204 -3.09 10.65 22.00
C GLN A 204 -4.03 9.74 21.21
N ILE A 205 -4.93 10.35 20.45
CA ILE A 205 -5.87 9.62 19.60
C ILE A 205 -5.07 8.77 18.60
N ILE A 206 -4.02 9.36 18.03
CA ILE A 206 -3.16 8.68 17.06
C ILE A 206 -2.42 7.52 17.74
N LEU A 207 -1.86 7.78 18.92
CA LEU A 207 -1.16 6.74 19.67
C LEU A 207 -2.04 5.53 19.92
N LYS A 208 -3.24 5.78 20.44
CA LYS A 208 -4.18 4.72 20.76
C LYS A 208 -4.65 3.97 19.52
N ALA A 209 -4.84 4.68 18.42
CA ALA A 209 -5.30 4.06 17.18
C ALA A 209 -4.24 3.10 16.66
N LEU A 210 -2.98 3.56 16.65
CA LEU A 210 -1.87 2.75 16.18
C LEU A 210 -1.70 1.49 17.06
N GLU A 211 -1.81 1.67 18.36
CA GLU A 211 -1.67 0.56 19.29
C GLU A 211 -2.76 -0.48 19.03
N ARG A 212 -3.97 -0.03 18.75
CA ARG A 212 -5.10 -0.90 18.48
C ARG A 212 -5.01 -1.59 17.12
N GLY A 213 -4.19 -1.03 16.23
CA GLY A 213 -4.07 -1.62 14.92
C GLY A 213 -5.01 -0.99 13.91
N SER A 214 -5.49 0.21 14.21
CA SER A 214 -6.36 0.92 13.26
C SER A 214 -5.46 1.31 12.10
N LEU A 215 -6.02 1.71 10.96
CA LEU A 215 -5.18 2.11 9.85
C LEU A 215 -5.21 3.62 9.78
N LEU A 216 -4.04 4.23 9.65
CA LEU A 216 -3.97 5.68 9.59
C LEU A 216 -3.29 6.19 8.32
N GLY A 217 -3.83 7.26 7.78
CA GLY A 217 -3.24 7.86 6.59
C GLY A 217 -3.32 9.36 6.73
N CYS A 218 -2.56 10.09 5.92
CA CYS A 218 -2.58 11.54 5.98
C CYS A 218 -2.23 12.08 4.62
N SER A 219 -2.55 13.35 4.39
CA SER A 219 -2.25 13.95 3.10
C SER A 219 -2.22 15.46 3.21
N ILE A 220 -1.71 16.11 2.17
CA ILE A 220 -1.66 17.57 2.14
C ILE A 220 -2.65 17.98 1.06
N ASP A 221 -3.56 18.88 1.39
CA ASP A 221 -4.55 19.30 0.42
C ASP A 221 -3.92 20.10 -0.70
N ILE A 222 -4.49 19.95 -1.89
CA ILE A 222 -4.05 20.62 -3.10
C ILE A 222 -5.13 21.57 -3.59
N SER A 223 -4.88 22.86 -3.41
CA SER A 223 -5.81 23.91 -3.81
C SER A 223 -5.25 24.72 -4.98
N SER A 224 -4.19 24.20 -5.60
CA SER A 224 -3.57 24.85 -6.74
C SER A 224 -4.01 24.13 -8.02
N VAL A 225 -4.95 23.19 -7.88
CA VAL A 225 -5.46 22.42 -9.00
C VAL A 225 -4.46 21.37 -9.48
N LEU A 226 -3.57 21.74 -10.39
CA LEU A 226 -2.59 20.81 -10.94
C LEU A 226 -1.24 20.80 -10.22
N ASP A 227 -1.27 20.68 -8.90
CA ASP A 227 -0.05 20.58 -8.12
C ASP A 227 -0.19 19.22 -7.47
N MET A 228 -0.90 18.34 -8.18
CA MET A 228 -1.14 16.96 -7.76
C MET A 228 0.22 16.29 -7.74
N GLU A 229 0.59 15.73 -6.59
CA GLU A 229 1.88 15.07 -6.39
C GLU A 229 3.08 16.02 -6.58
N ALA A 230 2.89 17.30 -6.30
CA ALA A 230 3.98 18.28 -6.41
C ALA A 230 4.83 18.08 -5.16
N ILE A 231 6.13 18.06 -5.33
CA ILE A 231 7.05 17.85 -4.22
C ILE A 231 7.41 19.20 -3.60
N THR A 232 7.19 19.35 -2.29
CA THR A 232 7.51 20.60 -1.64
C THR A 232 9.02 20.73 -1.48
N PHE A 233 9.48 21.90 -1.06
CA PHE A 233 10.89 22.15 -0.87
C PHE A 233 11.47 21.20 0.18
N LYS A 234 10.64 20.82 1.16
CA LYS A 234 11.08 19.91 2.20
C LYS A 234 10.77 18.46 1.86
N LYS A 235 10.44 18.25 0.60
CA LYS A 235 10.16 16.93 0.04
C LYS A 235 9.02 16.11 0.60
N LEU A 236 7.91 16.79 0.83
CA LEU A 236 6.67 16.14 1.21
C LEU A 236 5.98 16.24 -0.16
N VAL A 237 4.97 15.41 -0.40
CA VAL A 237 4.28 15.42 -1.68
C VAL A 237 2.83 15.83 -1.40
N LYS A 238 2.31 16.77 -2.18
CA LYS A 238 0.92 17.23 -1.99
C LYS A 238 -0.06 16.36 -2.78
N GLY A 239 -1.31 16.33 -2.31
CA GLY A 239 -2.36 15.54 -2.95
C GLY A 239 -1.93 14.10 -3.09
N HIS A 240 -1.17 13.64 -2.10
CA HIS A 240 -0.60 12.31 -2.13
C HIS A 240 -0.88 11.57 -0.81
N ALA A 241 -1.35 10.34 -0.91
CA ALA A 241 -1.67 9.54 0.27
C ALA A 241 -0.45 8.98 0.99
N TYR A 242 -0.27 9.34 2.25
CA TYR A 242 0.81 8.82 3.07
C TYR A 242 0.22 7.84 4.09
N SER A 243 1.01 6.85 4.49
CA SER A 243 0.58 5.94 5.53
C SER A 243 1.16 6.49 6.82
N VAL A 244 0.35 6.59 7.87
CA VAL A 244 0.85 6.99 9.18
C VAL A 244 1.15 5.63 9.78
N THR A 245 2.44 5.37 9.98
CA THR A 245 2.90 4.08 10.44
C THR A 245 3.46 4.01 11.84
N GLY A 246 3.47 5.12 12.55
CA GLY A 246 4.02 5.07 13.89
C GLY A 246 3.96 6.38 14.63
N ALA A 247 4.18 6.31 15.94
CA ALA A 247 4.18 7.49 16.79
C ALA A 247 4.82 7.09 18.09
N LYS A 248 5.76 7.89 18.54
CA LYS A 248 6.40 7.64 19.82
C LYS A 248 6.96 8.93 20.38
N GLN A 249 6.95 9.04 21.71
CA GLN A 249 7.50 10.21 22.37
C GLN A 249 8.91 9.76 22.72
N VAL A 250 9.89 10.61 22.41
CA VAL A 250 11.26 10.25 22.65
C VAL A 250 11.98 11.16 23.61
N ASN A 251 13.02 10.63 24.25
CA ASN A 251 13.83 11.40 25.19
C ASN A 251 14.87 12.07 24.29
N TYR A 252 14.71 13.38 24.14
CA TYR A 252 15.58 14.19 23.28
C TYR A 252 16.33 15.27 24.08
N ARG A 253 17.62 15.24 24.11
CA ARG A 253 18.45 16.19 24.87
C ARG A 253 17.99 16.21 26.32
N GLY A 254 17.50 15.13 26.73
CA GLY A 254 16.99 15.10 28.09
C GLY A 254 15.53 15.47 28.23
N GLN A 255 14.86 15.71 27.10
CA GLN A 255 13.43 16.09 27.10
C GLN A 255 12.56 15.10 26.33
N VAL A 256 11.24 15.32 26.37
CA VAL A 256 10.29 14.43 25.71
C VAL A 256 9.56 15.05 24.52
N VAL A 257 9.84 14.51 23.34
CA VAL A 257 9.25 15.00 22.10
C VAL A 257 8.30 14.00 21.47
N SER A 258 7.16 14.49 21.00
CA SER A 258 6.16 13.67 20.34
C SER A 258 6.45 13.59 18.83
N LEU A 259 6.76 12.39 18.35
CA LEU A 259 7.06 12.15 16.94
C LEU A 259 5.99 11.31 16.29
N ILE A 260 5.89 11.43 14.98
CA ILE A 260 4.95 10.67 14.20
C ILE A 260 5.73 10.14 13.00
N ARG A 261 5.45 8.92 12.63
CA ARG A 261 6.16 8.34 11.50
C ARG A 261 5.17 8.09 10.40
N MET A 262 5.61 8.36 9.18
CA MET A 262 4.74 8.13 8.05
C MET A 262 5.55 7.58 6.89
N ARG A 263 4.85 7.05 5.91
CA ARG A 263 5.53 6.49 4.77
C ARG A 263 4.89 6.87 3.46
N ASN A 264 5.72 7.42 2.58
CA ASN A 264 5.32 7.81 1.24
C ASN A 264 5.23 6.48 0.47
N PRO A 265 4.05 6.13 -0.07
CA PRO A 265 3.86 4.88 -0.83
C PRO A 265 4.74 4.75 -2.08
N TRP A 266 5.45 5.82 -2.43
CA TRP A 266 6.36 5.78 -3.57
C TRP A 266 7.55 4.92 -3.16
N GLY A 267 7.80 4.86 -1.85
CA GLY A 267 8.93 4.09 -1.37
C GLY A 267 10.22 4.92 -1.40
N GLU A 268 10.08 6.21 -1.64
CA GLU A 268 11.21 7.15 -1.70
C GLU A 268 10.62 8.55 -1.73
N VAL A 269 11.49 9.55 -1.57
CA VAL A 269 11.14 10.99 -1.50
C VAL A 269 10.58 11.19 -0.09
N GLU A 270 11.47 11.65 0.77
CA GLU A 270 11.18 11.86 2.18
C GLU A 270 11.43 13.28 2.69
N TRP A 271 10.67 13.60 3.72
CA TRP A 271 10.75 14.85 4.46
C TRP A 271 12.22 15.08 4.76
N THR A 272 12.68 16.32 4.63
CA THR A 272 14.09 16.66 4.88
C THR A 272 14.23 17.50 6.15
N GLY A 273 13.11 17.75 6.82
CA GLY A 273 13.17 18.59 8.00
C GLY A 273 13.60 17.88 9.26
N ALA A 274 13.22 18.46 10.39
CA ALA A 274 13.54 17.92 11.69
C ALA A 274 13.02 16.50 11.83
N TRP A 275 13.91 15.62 12.29
CA TRP A 275 13.63 14.21 12.54
C TRP A 275 13.71 13.31 11.33
N SER A 276 14.02 13.88 10.17
CA SER A 276 14.17 13.09 8.96
C SER A 276 15.37 12.16 9.22
N ASP A 277 15.54 11.15 8.39
CA ASP A 277 16.59 10.15 8.56
C ASP A 277 17.99 10.59 8.98
N SER A 278 18.54 11.57 8.29
CA SER A 278 19.89 12.04 8.61
C SER A 278 19.91 13.38 9.34
N SER A 279 18.79 13.77 9.94
CA SER A 279 18.72 15.04 10.65
C SER A 279 19.53 14.99 11.94
N SER A 280 19.98 16.15 12.39
CA SER A 280 20.79 16.26 13.61
C SER A 280 20.00 16.00 14.91
N GLU A 281 18.67 16.09 14.86
CA GLU A 281 17.87 15.86 16.06
C GLU A 281 18.19 14.51 16.70
N TRP A 282 18.45 13.52 15.86
CA TRP A 282 18.76 12.16 16.31
C TRP A 282 20.02 12.02 17.15
N ASN A 283 20.96 12.95 16.99
CA ASN A 283 22.20 12.86 17.75
C ASN A 283 21.96 13.09 19.24
N ASN A 284 20.89 13.81 19.56
CA ASN A 284 20.58 14.11 20.94
C ASN A 284 19.43 13.30 21.51
N VAL A 285 19.12 12.17 20.88
CA VAL A 285 18.07 11.33 21.44
C VAL A 285 18.77 10.11 22.04
N ASP A 286 18.08 9.49 23.00
CA ASP A 286 18.56 8.30 23.66
C ASP A 286 19.12 7.32 22.62
N PRO A 287 20.35 6.80 22.83
CA PRO A 287 21.03 5.86 21.93
C PRO A 287 20.18 4.66 21.56
N TYR A 288 19.42 4.17 22.52
CA TYR A 288 18.56 3.02 22.28
C TYR A 288 17.35 3.41 21.41
N GLU A 289 16.69 4.51 21.76
CA GLU A 289 15.54 4.96 20.98
C GLU A 289 15.95 5.28 19.56
N ARG A 290 17.11 5.92 19.41
CA ARG A 290 17.63 6.27 18.11
C ARG A 290 17.78 4.98 17.29
N ASP A 291 18.30 3.95 17.94
CA ASP A 291 18.52 2.67 17.28
C ASP A 291 17.23 1.96 16.92
N GLN A 292 16.25 2.06 17.80
CA GLN A 292 14.96 1.43 17.59
C GLN A 292 14.09 2.14 16.56
N LEU A 293 14.11 3.46 16.60
CA LEU A 293 13.27 4.28 15.73
C LEU A 293 13.85 4.80 14.43
N ARG A 294 15.09 5.27 14.45
CA ARG A 294 15.69 5.84 13.26
C ARG A 294 16.38 4.85 12.33
N VAL A 295 15.94 4.84 11.09
CA VAL A 295 16.52 3.96 10.09
C VAL A 295 16.99 4.84 8.95
N LYS A 296 18.29 4.88 8.69
CA LYS A 296 18.81 5.69 7.60
C LYS A 296 18.61 4.92 6.31
N MET A 297 17.47 5.12 5.68
CA MET A 297 17.18 4.41 4.45
C MET A 297 16.17 5.18 3.58
N GLU A 298 16.44 5.27 2.28
CA GLU A 298 15.52 5.94 1.35
C GLU A 298 14.48 4.87 1.06
N ASP A 299 13.46 4.82 1.91
CA ASP A 299 12.41 3.82 1.79
C ASP A 299 11.04 4.49 1.85
N GLY A 300 11.05 5.82 1.78
CA GLY A 300 9.81 6.57 1.82
C GLY A 300 9.27 6.81 3.22
N GLU A 301 9.88 6.17 4.21
CA GLU A 301 9.42 6.30 5.59
C GLU A 301 10.33 7.21 6.38
N PHE A 302 9.72 8.03 7.21
CA PHE A 302 10.45 9.00 8.00
C PHE A 302 9.65 9.46 9.19
N TRP A 303 10.34 10.15 10.10
CA TRP A 303 9.70 10.70 11.28
C TRP A 303 9.61 12.23 11.15
N MET A 304 8.61 12.80 11.83
CA MET A 304 8.41 14.23 11.91
C MET A 304 7.95 14.47 13.34
N SER A 305 8.18 15.68 13.85
CA SER A 305 7.69 16.00 15.19
C SER A 305 6.20 16.18 14.92
N PHE A 306 5.36 15.97 15.94
CA PHE A 306 3.95 16.13 15.75
C PHE A 306 3.64 17.56 15.35
N ARG A 307 4.41 18.50 15.87
CA ARG A 307 4.21 19.91 15.54
C ARG A 307 4.41 20.16 14.03
N ASP A 308 5.51 19.63 13.47
CA ASP A 308 5.74 19.82 12.04
C ASP A 308 4.66 19.06 11.25
N PHE A 309 4.27 17.89 11.73
CA PHE A 309 3.24 17.13 11.04
C PHE A 309 1.97 17.96 10.97
N MET A 310 1.62 18.62 12.07
CA MET A 310 0.40 19.44 12.14
C MET A 310 0.53 20.72 11.31
N ARG A 311 1.77 21.14 11.06
CA ARG A 311 2.01 22.35 10.29
C ARG A 311 2.04 22.07 8.79
N GLU A 312 2.49 20.88 8.40
CA GLU A 312 2.62 20.51 6.99
C GLU A 312 1.47 19.70 6.37
N PHE A 313 0.83 18.85 7.15
CA PHE A 313 -0.26 18.06 6.62
C PHE A 313 -1.61 18.71 6.88
N THR A 314 -2.60 18.42 6.04
CA THR A 314 -3.90 19.04 6.23
C THR A 314 -4.97 18.07 6.72
N ARG A 315 -4.79 16.79 6.45
CA ARG A 315 -5.78 15.85 6.92
C ARG A 315 -5.21 14.52 7.36
N LEU A 316 -5.94 13.93 8.31
CA LEU A 316 -5.59 12.65 8.88
C LEU A 316 -6.83 11.78 8.84
N GLU A 317 -6.63 10.51 8.50
CA GLU A 317 -7.72 9.57 8.44
C GLU A 317 -7.38 8.41 9.34
N ILE A 318 -8.35 8.03 10.16
CA ILE A 318 -8.17 6.92 11.05
C ILE A 318 -9.32 5.95 10.79
N CYS A 319 -8.98 4.75 10.35
CA CYS A 319 -9.98 3.75 10.10
C CYS A 319 -9.92 2.77 11.25
N ASN A 320 -10.92 2.83 12.12
CA ASN A 320 -10.96 1.93 13.26
C ASN A 320 -11.76 0.67 12.93
N LEU A 321 -11.34 -0.44 13.53
CA LEU A 321 -11.98 -1.72 13.32
C LEU A 321 -13.18 -1.92 14.26
#